data_5V5P
#
_entry.id   5V5P
#
_cell.length_a   78.646
_cell.length_b   91.322
_cell.length_c   97.771
_cell.angle_alpha   90.00
_cell.angle_beta   90.00
_cell.angle_gamma   90.00
#
_symmetry.space_group_name_H-M   'P 21 21 21'
#
loop_
_entity.id
_entity.type
_entity.pdbx_description
1 polymer 'Importin subunit alpha-1'
2 polymer Nucleoprotein
3 water water
#
loop_
_entity_poly.entity_id
_entity_poly.type
_entity_poly.pdbx_seq_one_letter_code
_entity_poly.pdbx_strand_id
1 'polypeptide(L)'
;STNENANLPAARLNRFKNKGKDSTEMRRRRIEVNVELRKAKKDEQMLKRRNVSSFPDDATSPLQENRNNQGTVNWSVEDI
VKGINSNNLESQLQATQAARKLLSREKQPPIDNIIRAGLIPKFVSFLGKTDCSPIQFESAWALTNIASGTSEQTKAVVDG
GAIPAFISLLASPHAHISEQAVWALGNIAGDGSAFRDLVIKHGAIDPLLALLAVPDLSTLACGYLRNLTWTLSNLCRNKN
PAPPLDAVEQILPTLVRLLHHNDPEVLADSCWAISYLTDGPNERIEMVVKKGVVPQLVKLLGATELPIVTPALRAIGNIV
TGTDEQTQKVIDAGALAVFPSLLTNPKTNIQKEATWTMSNITAGRQDQIQQVVNHGLVPFLVGVLSKADFKTQKEAAWAI
TNYTSGGTVEQIVYLVHCGIIEPLMNLLSAKDTKIIQVILDAISNIFQAAEKLGETEKLSIMIEECGGLDKIEALQRHEN
ESVYKASLNLIEKYFSVEEEEDQNVVPETTSEGFAFQVQDGAPGTFNF
;
C
2 'polypeptide(L)' KRGINDRNFWRGENGRRTR A,B
#
# COMPACT_ATOMS: atom_id res chain seq x y z
N ASN A 74 2.49 37.61 -15.50
CA ASN A 74 2.88 37.13 -14.18
C ASN A 74 3.66 38.19 -13.41
N TRP A 75 3.25 38.43 -12.17
CA TRP A 75 3.93 39.42 -11.33
C TRP A 75 5.27 38.90 -10.85
N SER A 76 6.11 39.82 -10.37
CA SER A 76 7.30 39.46 -9.63
C SER A 76 6.96 39.32 -8.15
N VAL A 77 7.85 38.66 -7.41
CA VAL A 77 7.63 38.47 -5.98
C VAL A 77 7.62 39.82 -5.27
N GLU A 78 8.47 40.75 -5.70
CA GLU A 78 8.52 42.07 -5.08
C GLU A 78 7.19 42.80 -5.25
N ASP A 79 6.59 42.73 -6.43
CA ASP A 79 5.30 43.39 -6.65
C ASP A 79 4.20 42.72 -5.84
N ILE A 80 4.28 41.41 -5.64
CA ILE A 80 3.32 40.72 -4.79
C ILE A 80 3.47 41.18 -3.35
N VAL A 81 4.71 41.28 -2.86
CA VAL A 81 4.95 41.76 -1.50
C VAL A 81 4.44 43.20 -1.36
N LYS A 82 4.67 44.03 -2.38
CA LYS A 82 4.22 45.42 -2.31
C LYS A 82 2.69 45.50 -2.25
N GLY A 83 2.01 44.67 -3.02
CA GLY A 83 0.55 44.69 -3.01
C GLY A 83 -0.04 44.16 -1.72
N ILE A 84 0.59 43.14 -1.14
CA ILE A 84 0.08 42.55 0.09
C ILE A 84 0.33 43.47 1.28
N ASN A 85 1.44 44.22 1.27
CA ASN A 85 1.73 45.17 2.34
C ASN A 85 1.00 46.49 2.17
N SER A 86 0.12 46.62 1.18
CA SER A 86 -0.55 47.89 0.92
C SER A 86 -1.64 48.20 1.95
N ASN A 87 -2.12 47.19 2.68
CA ASN A 87 -3.26 47.34 3.58
C ASN A 87 -4.51 47.81 2.85
N ASN A 88 -4.56 47.60 1.54
CA ASN A 88 -5.75 47.84 0.71
C ASN A 88 -6.27 46.46 0.34
N LEU A 89 -7.47 46.12 0.84
CA LEU A 89 -7.97 44.75 0.70
C LEU A 89 -8.06 44.35 -0.76
N GLU A 90 -8.52 45.23 -1.64
CA GLU A 90 -8.60 44.88 -3.05
C GLU A 90 -7.22 44.75 -3.67
N SER A 91 -6.27 45.62 -3.29
CA SER A 91 -4.89 45.46 -3.73
C SER A 91 -4.29 44.17 -3.20
N GLN A 92 -4.65 43.79 -1.97
CA GLN A 92 -4.16 42.52 -1.42
C GLN A 92 -4.76 41.32 -2.15
N LEU A 93 -6.03 41.42 -2.53
CA LEU A 93 -6.67 40.34 -3.28
C LEU A 93 -5.99 40.13 -4.63
N GLN A 94 -5.76 41.22 -5.36
CA GLN A 94 -5.13 41.11 -6.68
C GLN A 94 -3.70 40.60 -6.57
N ALA A 95 -2.98 40.98 -5.51
CA ALA A 95 -1.62 40.48 -5.32
C ALA A 95 -1.62 39.01 -4.91
N THR A 96 -2.60 38.60 -4.09
CA THR A 96 -2.68 37.21 -3.69
C THR A 96 -3.03 36.31 -4.88
N GLN A 97 -3.95 36.77 -5.73
CA GLN A 97 -4.26 36.02 -6.95
C GLN A 97 -3.04 35.92 -7.85
N ALA A 98 -2.23 36.98 -7.92
CA ALA A 98 -1.00 36.91 -8.70
C ALA A 98 -0.02 35.90 -8.11
N ALA A 99 0.05 35.80 -6.78
CA ALA A 99 0.90 34.80 -6.16
C ALA A 99 0.39 33.39 -6.46
N ARG A 100 -0.93 33.21 -6.47
CA ARG A 100 -1.50 31.91 -6.76
C ARG A 100 -1.20 31.49 -8.19
N LYS A 101 -1.27 32.42 -9.14
CA LYS A 101 -0.96 32.09 -10.52
C LYS A 101 0.53 31.77 -10.68
N LEU A 102 1.39 32.47 -9.94
CA LEU A 102 2.81 32.14 -9.93
C LEU A 102 3.03 30.72 -9.40
N LEU A 103 2.39 30.40 -8.28
CA LEU A 103 2.55 29.09 -7.66
C LEU A 103 1.85 27.97 -8.44
N SER A 104 1.06 28.31 -9.46
CA SER A 104 0.34 27.31 -10.24
C SER A 104 1.03 26.98 -11.56
N ARG A 105 2.17 27.60 -11.87
CA ARG A 105 2.87 27.30 -13.10
C ARG A 105 3.61 25.97 -12.97
N GLU A 106 3.75 25.27 -14.09
CA GLU A 106 4.34 23.93 -14.06
C GLU A 106 5.84 24.00 -13.82
N LYS A 107 6.56 24.81 -14.58
CA LYS A 107 8.02 24.86 -14.52
C LYS A 107 8.45 25.70 -13.32
N GLN A 108 8.97 25.04 -12.29
CA GLN A 108 9.62 25.66 -11.15
C GLN A 108 8.79 26.77 -10.52
N PRO A 109 7.75 26.45 -9.75
CA PRO A 109 7.07 27.48 -8.98
C PRO A 109 8.00 28.05 -7.93
N PRO A 110 8.09 29.38 -7.82
CA PRO A 110 9.02 29.97 -6.86
C PRO A 110 8.49 29.87 -5.43
N ILE A 111 8.34 28.64 -4.94
CA ILE A 111 7.79 28.41 -3.60
C ILE A 111 8.72 29.00 -2.55
N ASP A 112 10.02 28.68 -2.64
CA ASP A 112 10.97 29.17 -1.64
C ASP A 112 11.08 30.69 -1.67
N ASN A 113 10.98 31.30 -2.85
CA ASN A 113 10.99 32.76 -2.92
C ASN A 113 9.78 33.36 -2.21
N ILE A 114 8.60 32.75 -2.38
CA ILE A 114 7.41 33.22 -1.69
C ILE A 114 7.56 33.04 -0.18
N ILE A 115 8.13 31.91 0.25
CA ILE A 115 8.33 31.66 1.67
C ILE A 115 9.33 32.67 2.25
N ARG A 116 10.46 32.86 1.55
CA ARG A 116 11.48 33.79 2.03
C ARG A 116 10.96 35.23 2.09
N ALA A 117 9.99 35.57 1.26
CA ALA A 117 9.40 36.90 1.31
C ALA A 117 8.52 37.11 2.53
N GLY A 118 8.26 36.07 3.32
CA GLY A 118 7.44 36.20 4.50
C GLY A 118 5.95 36.28 4.25
N LEU A 119 5.48 35.73 3.14
CA LEU A 119 4.08 35.90 2.74
C LEU A 119 3.14 34.88 3.37
N ILE A 120 3.66 33.77 3.90
CA ILE A 120 2.77 32.73 4.43
C ILE A 120 1.90 33.23 5.57
N PRO A 121 2.41 33.93 6.59
CA PRO A 121 1.52 34.44 7.64
C PRO A 121 0.44 35.38 7.10
N LYS A 122 0.74 36.16 6.08
CA LYS A 122 -0.29 37.02 5.51
C LYS A 122 -1.37 36.12 4.90
N PHE A 123 -0.96 35.16 4.06
CA PHE A 123 -1.93 34.27 3.43
C PHE A 123 -2.84 33.63 4.48
N VAL A 124 -2.26 33.20 5.60
CA VAL A 124 -3.05 32.55 6.65
C VAL A 124 -4.07 33.53 7.23
N SER A 125 -3.67 34.78 7.43
CA SER A 125 -4.60 35.79 7.92
C SER A 125 -5.77 35.99 6.97
N PHE A 126 -5.50 35.94 5.65
CA PHE A 126 -6.56 36.11 4.68
C PHE A 126 -7.58 34.99 4.74
N LEU A 127 -7.20 33.81 5.24
CA LEU A 127 -8.15 32.69 5.33
C LEU A 127 -9.33 33.00 6.23
N GLY A 128 -9.19 33.94 7.16
CA GLY A 128 -10.26 34.29 8.06
C GLY A 128 -11.11 35.47 7.65
N LYS A 129 -10.90 36.03 6.46
CA LYS A 129 -11.67 37.18 6.01
C LYS A 129 -12.98 36.69 5.41
N THR A 130 -13.95 36.43 6.30
CA THR A 130 -15.23 35.85 5.88
C THR A 130 -16.02 36.80 4.97
N ASP A 131 -15.81 38.11 5.10
CA ASP A 131 -16.53 39.05 4.25
C ASP A 131 -15.98 39.10 2.83
N CYS A 132 -14.76 38.62 2.61
CA CYS A 132 -14.14 38.63 1.28
C CYS A 132 -13.77 37.19 0.93
N SER A 133 -14.76 36.41 0.51
CA SER A 133 -14.50 35.03 0.13
C SER A 133 -13.54 34.89 -1.06
N PRO A 134 -13.47 35.82 -2.03
CA PRO A 134 -12.43 35.67 -3.07
C PRO A 134 -11.01 35.61 -2.53
N ILE A 135 -10.68 36.43 -1.53
CA ILE A 135 -9.32 36.36 -1.01
C ILE A 135 -9.12 35.14 -0.13
N GLN A 136 -10.18 34.61 0.48
CA GLN A 136 -10.09 33.32 1.16
C GLN A 136 -9.70 32.22 0.19
N PHE A 137 -10.32 32.20 -0.99
CA PHE A 137 -10.07 31.16 -1.98
C PHE A 137 -8.66 31.30 -2.57
N GLU A 138 -8.26 32.52 -2.92
CA GLU A 138 -6.95 32.71 -3.55
C GLU A 138 -5.82 32.38 -2.57
N SER A 139 -5.95 32.78 -1.31
CA SER A 139 -4.90 32.48 -0.34
C SER A 139 -4.87 30.99 0.00
N ALA A 140 -6.05 30.36 0.09
CA ALA A 140 -6.07 28.92 0.32
C ALA A 140 -5.42 28.16 -0.82
N TRP A 141 -5.71 28.55 -2.06
CA TRP A 141 -5.10 27.92 -3.22
C TRP A 141 -3.59 28.14 -3.23
N ALA A 142 -3.15 29.36 -2.92
CA ALA A 142 -1.71 29.62 -2.85
C ALA A 142 -1.05 28.77 -1.77
N LEU A 143 -1.67 28.69 -0.59
CA LEU A 143 -1.08 27.90 0.49
C LEU A 143 -1.10 26.41 0.17
N THR A 144 -2.12 25.94 -0.56
CA THR A 144 -2.19 24.53 -0.93
C THR A 144 -1.00 24.14 -1.80
N ASN A 145 -0.62 24.99 -2.74
CA ASN A 145 0.52 24.68 -3.61
C ASN A 145 1.83 24.73 -2.84
N ILE A 146 1.95 25.59 -1.83
CA ILE A 146 3.15 25.56 -1.00
C ILE A 146 3.17 24.29 -0.16
N ALA A 147 2.02 23.91 0.40
CA ALA A 147 1.97 22.71 1.24
C ALA A 147 2.16 21.43 0.44
N SER A 148 1.99 21.47 -0.87
CA SER A 148 2.19 20.30 -1.72
C SER A 148 3.64 20.02 -2.05
N GLY A 149 4.57 20.88 -1.63
CA GLY A 149 5.97 20.71 -1.98
C GLY A 149 6.76 19.86 -1.00
N THR A 150 7.99 20.27 -0.72
CA THR A 150 8.87 19.51 0.16
C THR A 150 8.36 19.58 1.60
N SER A 151 8.95 18.73 2.46
CA SER A 151 8.56 18.70 3.86
C SER A 151 8.88 20.03 4.54
N GLU A 152 9.99 20.65 4.16
CA GLU A 152 10.30 21.99 4.68
C GLU A 152 9.23 22.99 4.25
N GLN A 153 8.71 22.85 3.04
CA GLN A 153 7.70 23.78 2.56
C GLN A 153 6.35 23.54 3.22
N THR A 154 6.00 22.26 3.44
CA THR A 154 4.79 21.96 4.19
C THR A 154 4.90 22.45 5.63
N LYS A 155 6.08 22.29 6.23
CA LYS A 155 6.30 22.78 7.60
C LYS A 155 6.12 24.29 7.68
N ALA A 156 6.58 25.03 6.67
CA ALA A 156 6.42 26.48 6.68
C ALA A 156 4.95 26.89 6.71
N VAL A 157 4.11 26.15 5.99
CA VAL A 157 2.67 26.39 6.04
C VAL A 157 2.12 26.09 7.43
N VAL A 158 2.50 24.95 8.00
CA VAL A 158 2.06 24.61 9.36
C VAL A 158 2.57 25.64 10.37
N ASP A 159 3.84 26.02 10.24
CA ASP A 159 4.42 27.00 11.17
C ASP A 159 3.73 28.35 11.08
N GLY A 160 3.05 28.66 9.97
CA GLY A 160 2.28 29.87 9.86
C GLY A 160 0.91 29.83 10.47
N GLY A 161 0.54 28.73 11.14
CA GLY A 161 -0.75 28.64 11.78
C GLY A 161 -1.88 28.23 10.87
N ALA A 162 -1.58 27.55 9.76
CA ALA A 162 -2.60 27.29 8.76
C ALA A 162 -3.55 26.17 9.13
N ILE A 163 -3.16 25.25 10.01
CA ILE A 163 -3.99 24.07 10.30
C ILE A 163 -5.33 24.50 10.90
N PRO A 164 -5.39 25.26 12.00
CA PRO A 164 -6.72 25.65 12.52
C PRO A 164 -7.49 26.55 11.58
N ALA A 165 -6.79 27.36 10.78
CA ALA A 165 -7.46 28.25 9.84
C ALA A 165 -8.13 27.45 8.72
N PHE A 166 -7.45 26.42 8.22
CA PHE A 166 -8.03 25.58 7.17
C PHE A 166 -9.20 24.77 7.70
N ILE A 167 -9.12 24.31 8.95
CA ILE A 167 -10.22 23.55 9.52
C ILE A 167 -11.47 24.41 9.66
N SER A 168 -11.29 25.69 10.02
CA SER A 168 -12.43 26.60 10.05
C SER A 168 -13.04 26.80 8.66
N LEU A 169 -12.21 26.74 7.61
CA LEU A 169 -12.70 26.92 6.26
C LEU A 169 -13.54 25.74 5.77
N LEU A 170 -13.46 24.58 6.42
CA LEU A 170 -14.29 23.45 6.04
C LEU A 170 -15.78 23.75 6.16
N ALA A 171 -16.16 24.73 6.98
CA ALA A 171 -17.54 25.11 7.15
C ALA A 171 -17.96 26.24 6.21
N SER A 172 -17.14 26.56 5.21
CA SER A 172 -17.48 27.65 4.31
C SER A 172 -18.68 27.27 3.45
N PRO A 173 -19.61 28.20 3.22
CA PRO A 173 -20.75 27.90 2.35
C PRO A 173 -20.38 27.79 0.87
N HIS A 174 -19.17 28.16 0.49
CA HIS A 174 -18.71 28.05 -0.89
C HIS A 174 -17.98 26.73 -1.07
N ALA A 175 -18.48 25.90 -1.99
CA ALA A 175 -17.94 24.56 -2.15
C ALA A 175 -16.49 24.59 -2.62
N HIS A 176 -16.13 25.54 -3.48
CA HIS A 176 -14.76 25.61 -3.98
C HIS A 176 -13.78 26.05 -2.90
N ILE A 177 -14.24 26.81 -1.91
CA ILE A 177 -13.37 27.20 -0.81
C ILE A 177 -13.23 26.05 0.18
N SER A 178 -14.34 25.39 0.53
CA SER A 178 -14.28 24.24 1.41
C SER A 178 -13.41 23.13 0.80
N GLU A 179 -13.55 22.90 -0.50
CA GLU A 179 -12.74 21.88 -1.17
C GLU A 179 -11.26 22.23 -1.10
N GLN A 180 -10.92 23.52 -1.21
CA GLN A 180 -9.52 23.93 -1.12
C GLN A 180 -8.96 23.65 0.27
N ALA A 181 -9.77 23.81 1.31
CA ALA A 181 -9.32 23.47 2.66
C ALA A 181 -9.14 21.96 2.82
N VAL A 182 -10.07 21.16 2.27
CA VAL A 182 -9.88 19.71 2.27
C VAL A 182 -8.55 19.35 1.62
N TRP A 183 -8.29 19.97 0.47
CA TRP A 183 -7.06 19.70 -0.27
C TRP A 183 -5.82 20.05 0.54
N ALA A 184 -5.82 21.24 1.16
CA ALA A 184 -4.66 21.67 1.93
C ALA A 184 -4.39 20.76 3.11
N LEU A 185 -5.44 20.34 3.82
CA LEU A 185 -5.24 19.45 4.96
C LEU A 185 -4.76 18.07 4.54
N GLY A 186 -5.15 17.63 3.34
CA GLY A 186 -4.63 16.37 2.83
C GLY A 186 -3.13 16.43 2.56
N ASN A 187 -2.66 17.56 2.04
CA ASN A 187 -1.22 17.73 1.82
C ASN A 187 -0.47 17.80 3.15
N ILE A 188 -1.01 18.51 4.13
CA ILE A 188 -0.36 18.62 5.44
C ILE A 188 -0.31 17.26 6.11
N ALA A 189 -1.43 16.55 6.16
CA ALA A 189 -1.48 15.25 6.82
C ALA A 189 -0.61 14.22 6.11
N GLY A 190 -0.49 14.32 4.78
CA GLY A 190 0.32 13.39 4.02
C GLY A 190 1.81 13.56 4.18
N ASP A 191 2.27 14.57 4.91
CA ASP A 191 3.70 14.76 5.10
C ASP A 191 4.30 13.65 5.96
N GLY A 192 3.56 13.20 6.97
CA GLY A 192 4.06 12.19 7.87
C GLY A 192 3.15 12.04 9.07
N SER A 193 3.52 11.11 9.95
CA SER A 193 2.67 10.78 11.08
C SER A 193 2.54 11.94 12.06
N ALA A 194 3.59 12.77 12.20
CA ALA A 194 3.52 13.90 13.12
C ALA A 194 2.47 14.93 12.67
N PHE A 195 2.55 15.37 11.41
CA PHE A 195 1.57 16.34 10.93
C PHE A 195 0.19 15.70 10.79
N ARG A 196 0.12 14.42 10.42
CA ARG A 196 -1.15 13.71 10.42
C ARG A 196 -1.82 13.75 11.78
N ASP A 197 -1.08 13.41 12.84
CA ASP A 197 -1.66 13.42 14.18
C ASP A 197 -1.93 14.85 14.65
N LEU A 198 -1.15 15.82 14.19
CA LEU A 198 -1.40 17.20 14.55
C LEU A 198 -2.69 17.71 13.93
N VAL A 199 -2.93 17.36 12.66
CA VAL A 199 -4.20 17.69 12.01
C VAL A 199 -5.36 17.06 12.76
N ILE A 200 -5.20 15.83 13.23
CA ILE A 200 -6.25 15.16 13.98
C ILE A 200 -6.48 15.85 15.32
N LYS A 201 -5.40 16.27 15.99
CA LYS A 201 -5.55 16.93 17.29
C LYS A 201 -6.29 18.25 17.17
N HIS A 202 -6.05 18.99 16.08
CA HIS A 202 -6.79 20.22 15.85
C HIS A 202 -8.26 19.98 15.54
N GLY A 203 -8.70 18.73 15.43
CA GLY A 203 -10.11 18.43 15.26
C GLY A 203 -10.62 18.47 13.84
N ALA A 204 -9.86 17.93 12.89
CA ALA A 204 -10.28 17.99 11.49
C ALA A 204 -11.25 16.88 11.11
N ILE A 205 -11.30 15.78 11.87
CA ILE A 205 -12.04 14.61 11.41
C ILE A 205 -13.54 14.88 11.39
N ASP A 206 -14.06 15.50 12.46
CA ASP A 206 -15.50 15.76 12.53
C ASP A 206 -16.01 16.62 11.39
N PRO A 207 -15.42 17.79 11.08
CA PRO A 207 -15.95 18.56 9.95
C PRO A 207 -15.71 17.90 8.59
N LEU A 208 -14.64 17.10 8.46
CA LEU A 208 -14.42 16.38 7.21
C LEU A 208 -15.52 15.35 6.97
N LEU A 209 -15.80 14.52 7.98
CA LEU A 209 -16.86 13.52 7.84
C LEU A 209 -18.23 14.16 7.68
N ALA A 210 -18.43 15.35 8.27
CA ALA A 210 -19.71 16.02 8.13
C ALA A 210 -19.99 16.42 6.69
N LEU A 211 -18.95 16.67 5.89
CA LEU A 211 -19.13 16.98 4.48
C LEU A 211 -19.63 15.78 3.68
N LEU A 212 -19.51 14.57 4.21
CA LEU A 212 -19.96 13.36 3.55
C LEU A 212 -21.23 12.80 4.18
N ALA A 213 -21.86 13.53 5.09
CA ALA A 213 -23.05 13.05 5.80
C ALA A 213 -24.29 13.33 4.95
N VAL A 214 -24.36 12.60 3.83
CA VAL A 214 -25.53 12.64 2.94
C VAL A 214 -26.00 11.21 2.73
N PRO A 215 -27.28 10.98 2.49
CA PRO A 215 -27.76 9.59 2.33
C PRO A 215 -27.19 8.88 1.11
N ASP A 216 -26.85 9.61 0.06
CA ASP A 216 -26.32 9.02 -1.16
C ASP A 216 -25.15 9.87 -1.65
N LEU A 217 -23.96 9.27 -1.74
CA LEU A 217 -22.77 10.00 -2.17
C LEU A 217 -22.89 10.49 -3.61
N SER A 218 -23.79 9.91 -4.40
CA SER A 218 -23.93 10.32 -5.80
C SER A 218 -24.41 11.75 -5.95
N THR A 219 -25.00 12.35 -4.91
CA THR A 219 -25.45 13.73 -4.99
C THR A 219 -24.32 14.73 -4.84
N LEU A 220 -23.14 14.30 -4.39
CA LEU A 220 -22.01 15.20 -4.25
C LEU A 220 -21.28 15.35 -5.59
N ALA A 221 -20.63 16.51 -5.76
CA ALA A 221 -19.85 16.75 -6.96
C ALA A 221 -18.68 15.78 -7.03
N CYS A 222 -18.37 15.35 -8.26
CA CYS A 222 -17.38 14.29 -8.46
C CYS A 222 -16.00 14.69 -7.95
N GLY A 223 -15.51 15.87 -8.38
CA GLY A 223 -14.22 16.33 -7.91
C GLY A 223 -14.19 16.61 -6.41
N TYR A 224 -15.30 17.09 -5.87
CA TYR A 224 -15.38 17.33 -4.43
C TYR A 224 -15.24 16.02 -3.66
N LEU A 225 -15.91 14.97 -4.14
CA LEU A 225 -15.87 13.68 -3.47
C LEU A 225 -14.49 13.03 -3.58
N ARG A 226 -13.83 13.19 -4.73
CA ARG A 226 -12.48 12.63 -4.89
C ARG A 226 -11.49 13.29 -3.96
N ASN A 227 -11.61 14.61 -3.74
CA ASN A 227 -10.70 15.31 -2.84
C ASN A 227 -10.89 14.85 -1.40
N LEU A 228 -12.14 14.66 -0.97
CA LEU A 228 -12.40 14.19 0.38
C LEU A 228 -11.87 12.78 0.60
N THR A 229 -12.03 11.90 -0.40
CA THR A 229 -11.51 10.55 -0.27
C THR A 229 -10.00 10.55 -0.16
N TRP A 230 -9.32 11.32 -1.01
CA TRP A 230 -7.86 11.38 -0.96
C TRP A 230 -7.36 11.92 0.37
N THR A 231 -8.00 12.98 0.88
CA THR A 231 -7.58 13.54 2.16
C THR A 231 -7.81 12.55 3.30
N LEU A 232 -8.96 11.86 3.29
CA LEU A 232 -9.20 10.84 4.32
C LEU A 232 -8.16 9.73 4.27
N SER A 233 -7.72 9.36 3.06
CA SER A 233 -6.72 8.30 2.94
C SER A 233 -5.37 8.73 3.52
N ASN A 234 -5.04 10.02 3.43
CA ASN A 234 -3.81 10.51 4.06
C ASN A 234 -3.90 10.48 5.58
N LEU A 235 -5.11 10.66 6.14
CA LEU A 235 -5.27 10.53 7.58
C LEU A 235 -5.13 9.09 8.05
N CYS A 236 -5.26 8.11 7.15
CA CYS A 236 -5.06 6.70 7.46
C CYS A 236 -3.63 6.24 7.18
N ARG A 237 -2.79 7.10 6.62
CA ARG A 237 -1.50 6.71 6.07
C ARG A 237 -0.39 6.86 7.12
N ASN A 238 0.72 6.15 6.85
CA ASN A 238 1.99 6.23 7.59
C ASN A 238 1.96 5.42 8.88
N LYS A 239 3.12 4.95 9.30
CA LYS A 239 3.32 4.16 10.50
C LYS A 239 4.37 4.85 11.37
N ASN A 240 4.71 4.19 12.47
CA ASN A 240 5.66 4.71 13.45
C ASN A 240 5.33 6.16 13.85
N PRO A 241 4.18 6.40 14.50
CA PRO A 241 3.15 5.42 14.83
C PRO A 241 2.03 5.34 13.80
N ALA A 242 1.19 4.31 13.94
CA ALA A 242 -0.03 4.22 13.16
C ALA A 242 -1.02 5.27 13.66
N PRO A 243 -2.04 5.61 12.86
CA PRO A 243 -3.00 6.61 13.32
C PRO A 243 -3.68 6.18 14.60
N PRO A 244 -4.17 7.12 15.39
CA PRO A 244 -4.82 6.76 16.66
C PRO A 244 -6.02 5.87 16.41
N LEU A 245 -6.19 4.87 17.29
CA LEU A 245 -7.26 3.89 17.11
C LEU A 245 -8.63 4.55 17.05
N ASP A 246 -8.89 5.53 17.93
CA ASP A 246 -10.19 6.19 17.93
C ASP A 246 -10.43 6.98 16.65
N ALA A 247 -9.37 7.54 16.06
CA ALA A 247 -9.52 8.23 14.79
C ALA A 247 -9.86 7.25 13.67
N VAL A 248 -9.20 6.08 13.66
CA VAL A 248 -9.51 5.06 12.67
C VAL A 248 -10.95 4.58 12.82
N GLU A 249 -11.38 4.32 14.06
CA GLU A 249 -12.74 3.85 14.29
C GLU A 249 -13.76 4.89 13.84
N GLN A 250 -13.46 6.17 14.05
CA GLN A 250 -14.37 7.24 13.63
C GLN A 250 -14.46 7.34 12.11
N ILE A 251 -13.36 7.07 11.40
CA ILE A 251 -13.32 7.23 9.96
C ILE A 251 -13.85 6.00 9.22
N LEU A 252 -13.66 4.80 9.77
CA LEU A 252 -13.95 3.56 9.05
C LEU A 252 -15.34 3.49 8.41
N PRO A 253 -16.44 3.80 9.11
CA PRO A 253 -17.76 3.69 8.44
C PRO A 253 -17.88 4.54 7.18
N THR A 254 -17.35 5.76 7.19
CA THR A 254 -17.35 6.58 5.99
C THR A 254 -16.46 5.98 4.92
N LEU A 255 -15.30 5.45 5.32
CA LEU A 255 -14.39 4.82 4.38
C LEU A 255 -15.04 3.61 3.70
N VAL A 256 -15.87 2.86 4.42
CA VAL A 256 -16.54 1.72 3.81
C VAL A 256 -17.56 2.18 2.77
N ARG A 257 -18.24 3.31 3.04
CA ARG A 257 -19.14 3.88 2.03
C ARG A 257 -18.39 4.21 0.75
N LEU A 258 -17.23 4.85 0.86
CA LEU A 258 -16.47 5.24 -0.31
C LEU A 258 -15.95 4.02 -1.06
N LEU A 259 -15.68 2.92 -0.35
CA LEU A 259 -15.22 1.69 -0.98
C LEU A 259 -16.31 1.03 -1.82
N HIS A 260 -17.56 1.44 -1.65
CA HIS A 260 -18.68 0.93 -2.45
C HIS A 260 -19.20 1.94 -3.45
N HIS A 261 -18.55 3.10 -3.59
CA HIS A 261 -18.99 4.14 -4.51
C HIS A 261 -18.40 3.90 -5.89
N ASN A 262 -19.25 4.02 -6.92
CA ASN A 262 -18.86 3.66 -8.28
C ASN A 262 -18.19 4.84 -8.97
N ASP A 263 -16.94 5.09 -8.57
CA ASP A 263 -16.08 6.07 -9.25
C ASP A 263 -14.66 5.54 -9.15
N PRO A 264 -13.96 5.41 -10.28
CA PRO A 264 -12.63 4.75 -10.25
C PRO A 264 -11.63 5.42 -9.32
N GLU A 265 -11.60 6.76 -9.29
CA GLU A 265 -10.66 7.44 -8.41
C GLU A 265 -11.03 7.26 -6.95
N VAL A 266 -12.32 7.39 -6.62
CA VAL A 266 -12.76 7.17 -5.25
C VAL A 266 -12.44 5.75 -4.80
N LEU A 267 -12.65 4.77 -5.68
CA LEU A 267 -12.35 3.38 -5.34
C LEU A 267 -10.86 3.18 -5.10
N ALA A 268 -10.02 3.75 -5.97
CA ALA A 268 -8.57 3.59 -5.82
C ALA A 268 -8.08 4.15 -4.50
N ASP A 269 -8.46 5.39 -4.17
CA ASP A 269 -7.99 6.00 -2.94
C ASP A 269 -8.58 5.34 -1.70
N SER A 270 -9.82 4.83 -1.81
CA SER A 270 -10.41 4.09 -0.70
C SER A 270 -9.65 2.79 -0.44
N CYS A 271 -9.26 2.09 -1.51
CA CYS A 271 -8.46 0.88 -1.37
C CYS A 271 -7.09 1.19 -0.76
N TRP A 272 -6.48 2.31 -1.16
CA TRP A 272 -5.21 2.68 -0.56
C TRP A 272 -5.37 2.89 0.94
N ALA A 273 -6.42 3.60 1.35
CA ALA A 273 -6.66 3.81 2.78
C ALA A 273 -6.81 2.49 3.51
N ILE A 274 -7.58 1.55 2.94
CA ILE A 274 -7.75 0.24 3.56
C ILE A 274 -6.42 -0.49 3.63
N SER A 275 -5.59 -0.37 2.58
CA SER A 275 -4.28 -1.00 2.60
C SER A 275 -3.38 -0.41 3.69
N TYR A 276 -3.51 0.89 3.96
CA TYR A 276 -2.75 1.49 5.06
C TYR A 276 -3.20 0.93 6.40
N LEU A 277 -4.53 0.86 6.62
CA LEU A 277 -5.04 0.43 7.91
C LEU A 277 -4.76 -1.04 8.19
N THR A 278 -4.63 -1.86 7.14
CA THR A 278 -4.32 -3.28 7.31
C THR A 278 -2.83 -3.54 7.39
N ASP A 279 -1.98 -2.53 7.23
CA ASP A 279 -0.54 -2.68 7.31
C ASP A 279 -0.11 -2.49 8.76
N GLY A 280 -0.32 -3.53 9.56
CA GLY A 280 0.03 -3.48 10.96
C GLY A 280 -0.26 -4.78 11.68
N PRO A 281 -0.37 -4.71 13.01
CA PRO A 281 -0.64 -5.92 13.80
C PRO A 281 -2.03 -6.47 13.53
N ASN A 282 -2.27 -7.67 14.05
CA ASN A 282 -3.53 -8.36 13.81
C ASN A 282 -4.72 -7.59 14.37
N GLU A 283 -4.51 -6.82 15.45
CA GLU A 283 -5.59 -6.02 16.01
C GLU A 283 -6.06 -4.96 15.02
N ARG A 284 -5.12 -4.36 14.27
CA ARG A 284 -5.49 -3.39 13.25
C ARG A 284 -6.21 -4.07 12.09
N ILE A 285 -5.72 -5.23 11.67
CA ILE A 285 -6.37 -5.97 10.59
C ILE A 285 -7.80 -6.34 11.00
N GLU A 286 -7.97 -6.76 12.25
CA GLU A 286 -9.30 -7.17 12.71
C GLU A 286 -10.30 -6.03 12.63
N MET A 287 -9.86 -4.80 12.93
CA MET A 287 -10.75 -3.65 12.84
C MET A 287 -11.33 -3.50 11.45
N VAL A 288 -10.51 -3.71 10.42
CA VAL A 288 -11.00 -3.56 9.05
C VAL A 288 -11.89 -4.74 8.68
N VAL A 289 -11.52 -5.94 9.09
CA VAL A 289 -12.21 -7.14 8.64
C VAL A 289 -13.63 -7.20 9.21
N LYS A 290 -13.77 -6.54 10.35
CA LYS A 290 -14.92 -6.51 11.26
C LYS A 290 -15.94 -5.47 10.78
N LYS A 291 -15.63 -4.86 9.64
CA LYS A 291 -16.52 -4.00 8.86
C LYS A 291 -17.06 -4.68 7.61
N GLY A 292 -16.66 -5.91 7.34
CA GLY A 292 -17.20 -6.65 6.21
C GLY A 292 -16.71 -6.21 4.84
N VAL A 293 -15.53 -5.60 4.76
CA VAL A 293 -15.03 -5.09 3.49
C VAL A 293 -14.33 -6.14 2.63
N VAL A 294 -14.03 -7.32 3.18
CA VAL A 294 -13.28 -8.32 2.42
C VAL A 294 -13.99 -8.73 1.14
N PRO A 295 -15.29 -9.01 1.12
CA PRO A 295 -15.94 -9.30 -0.17
C PRO A 295 -15.82 -8.18 -1.19
N GLN A 296 -15.90 -6.93 -0.74
CA GLN A 296 -15.75 -5.82 -1.69
C GLN A 296 -14.32 -5.70 -2.19
N LEU A 297 -13.33 -5.96 -1.32
CA LEU A 297 -11.94 -5.97 -1.77
C LEU A 297 -11.71 -7.04 -2.82
N VAL A 298 -12.29 -8.23 -2.64
CA VAL A 298 -12.13 -9.30 -3.62
C VAL A 298 -12.80 -8.91 -4.93
N LYS A 299 -13.93 -8.22 -4.85
CA LYS A 299 -14.60 -7.72 -6.05
C LYS A 299 -13.73 -6.71 -6.77
N LEU A 300 -13.16 -5.76 -6.04
CA LEU A 300 -12.26 -4.79 -6.65
C LEU A 300 -10.95 -5.44 -7.11
N LEU A 301 -10.58 -6.57 -6.51
CA LEU A 301 -9.40 -7.30 -6.93
C LEU A 301 -9.51 -7.78 -8.39
N GLY A 302 -10.72 -7.91 -8.91
CA GLY A 302 -10.90 -8.34 -10.28
C GLY A 302 -11.28 -7.22 -11.23
N ALA A 303 -11.04 -5.98 -10.81
CA ALA A 303 -11.33 -4.84 -11.68
C ALA A 303 -10.38 -4.82 -12.87
N THR A 304 -10.75 -4.04 -13.89
CA THR A 304 -9.90 -3.87 -15.05
C THR A 304 -8.94 -2.70 -14.92
N GLU A 305 -9.19 -1.78 -14.00
CA GLU A 305 -8.32 -0.62 -13.80
C GLU A 305 -7.16 -1.02 -12.89
N LEU A 306 -5.94 -0.94 -13.42
CA LEU A 306 -4.75 -1.18 -12.59
C LEU A 306 -4.69 -0.29 -11.35
N PRO A 307 -5.05 1.00 -11.39
CA PRO A 307 -5.02 1.81 -10.15
C PRO A 307 -5.96 1.32 -9.06
N ILE A 308 -6.88 0.41 -9.37
CA ILE A 308 -7.76 -0.18 -8.37
C ILE A 308 -7.24 -1.54 -7.90
N VAL A 309 -6.80 -2.38 -8.84
CA VAL A 309 -6.31 -3.71 -8.48
C VAL A 309 -5.10 -3.61 -7.58
N THR A 310 -4.22 -2.64 -7.86
CA THR A 310 -2.97 -2.55 -7.10
C THR A 310 -3.20 -2.33 -5.61
N PRO A 311 -3.96 -1.32 -5.15
CA PRO A 311 -4.20 -1.20 -3.71
C PRO A 311 -5.10 -2.30 -3.16
N ALA A 312 -6.03 -2.81 -3.97
CA ALA A 312 -6.87 -3.91 -3.49
C ALA A 312 -6.04 -5.15 -3.19
N LEU A 313 -5.08 -5.47 -4.07
CA LEU A 313 -4.21 -6.62 -3.83
C LEU A 313 -3.30 -6.38 -2.63
N ARG A 314 -2.83 -5.15 -2.45
CA ARG A 314 -2.01 -4.84 -1.28
C ARG A 314 -2.81 -5.02 0.00
N ALA A 315 -4.08 -4.58 0.01
CA ALA A 315 -4.90 -4.76 1.20
C ALA A 315 -5.16 -6.23 1.48
N ILE A 316 -5.47 -7.01 0.43
CA ILE A 316 -5.66 -8.45 0.61
C ILE A 316 -4.37 -9.10 1.12
N GLY A 317 -3.23 -8.71 0.55
CA GLY A 317 -1.97 -9.26 1.00
C GLY A 317 -1.67 -8.94 2.46
N ASN A 318 -2.04 -7.74 2.90
CA ASN A 318 -1.85 -7.39 4.31
C ASN A 318 -2.73 -8.23 5.21
N ILE A 319 -3.97 -8.49 4.80
CA ILE A 319 -4.91 -9.22 5.65
C ILE A 319 -4.46 -10.66 5.86
N VAL A 320 -3.82 -11.28 4.85
CA VAL A 320 -3.43 -12.67 4.97
C VAL A 320 -2.10 -12.79 5.70
N THR A 321 -1.57 -11.68 6.22
CA THR A 321 -0.45 -11.75 7.14
C THR A 321 -0.90 -11.88 8.60
N GLY A 322 -2.20 -11.82 8.86
CA GLY A 322 -2.74 -11.94 10.19
C GLY A 322 -3.00 -13.38 10.59
N THR A 323 -4.03 -13.57 11.41
CA THR A 323 -4.37 -14.90 11.90
C THR A 323 -4.93 -15.76 10.77
N ASP A 324 -5.03 -17.07 11.06
CA ASP A 324 -5.59 -17.99 10.08
C ASP A 324 -7.08 -17.75 9.86
N GLU A 325 -7.79 -17.27 10.88
CA GLU A 325 -9.20 -16.93 10.71
C GLU A 325 -9.37 -15.71 9.81
N GLN A 326 -8.49 -14.72 9.94
CA GLN A 326 -8.53 -13.57 9.05
C GLN A 326 -8.18 -13.97 7.62
N THR A 327 -7.19 -14.86 7.46
CA THR A 327 -6.86 -15.40 6.14
C THR A 327 -8.03 -16.18 5.56
N GLN A 328 -8.77 -16.89 6.42
CA GLN A 328 -9.88 -17.71 5.94
C GLN A 328 -10.99 -16.87 5.33
N LYS A 329 -11.21 -15.65 5.85
CA LYS A 329 -12.26 -14.80 5.29
C LYS A 329 -11.90 -14.31 3.91
N VAL A 330 -10.60 -14.14 3.63
CA VAL A 330 -10.16 -13.84 2.27
C VAL A 330 -10.48 -15.00 1.35
N ILE A 331 -10.24 -16.23 1.81
CA ILE A 331 -10.54 -17.41 0.99
C ILE A 331 -12.05 -17.57 0.83
N ASP A 332 -12.82 -17.41 1.93
CA ASP A 332 -14.26 -17.57 1.85
C ASP A 332 -14.90 -16.57 0.90
N ALA A 333 -14.28 -15.40 0.72
CA ALA A 333 -14.80 -14.39 -0.19
C ALA A 333 -14.51 -14.72 -1.66
N GLY A 334 -13.76 -15.77 -1.94
CA GLY A 334 -13.49 -16.18 -3.30
C GLY A 334 -12.26 -15.57 -3.93
N ALA A 335 -11.29 -15.15 -3.10
CA ALA A 335 -10.13 -14.45 -3.65
C ALA A 335 -9.25 -15.36 -4.49
N LEU A 336 -9.17 -16.65 -4.16
CA LEU A 336 -8.26 -17.54 -4.87
C LEU A 336 -8.64 -17.72 -6.34
N ALA A 337 -9.90 -17.46 -6.70
CA ALA A 337 -10.32 -17.60 -8.09
C ALA A 337 -9.76 -16.50 -8.99
N VAL A 338 -9.27 -15.40 -8.41
CA VAL A 338 -8.70 -14.32 -9.20
C VAL A 338 -7.22 -14.54 -9.49
N PHE A 339 -6.55 -15.41 -8.74
CA PHE A 339 -5.10 -15.51 -8.78
C PHE A 339 -4.51 -16.17 -10.04
N PRO A 340 -5.23 -17.00 -10.80
CA PRO A 340 -4.69 -17.40 -12.11
C PRO A 340 -4.31 -16.22 -12.99
N SER A 341 -5.12 -15.16 -13.00
CA SER A 341 -4.77 -13.99 -13.80
C SER A 341 -3.78 -13.08 -13.09
N LEU A 342 -3.83 -13.02 -11.76
CA LEU A 342 -2.87 -12.19 -11.02
C LEU A 342 -1.46 -12.75 -11.13
N LEU A 343 -1.31 -14.07 -11.00
CA LEU A 343 0.00 -14.69 -11.08
C LEU A 343 0.57 -14.74 -12.49
N THR A 344 -0.21 -14.35 -13.51
CA THR A 344 0.29 -14.20 -14.87
C THR A 344 0.13 -12.78 -15.39
N ASN A 345 -0.08 -11.82 -14.49
CA ASN A 345 -0.36 -10.44 -14.90
C ASN A 345 0.86 -9.85 -15.59
N PRO A 346 0.66 -9.06 -16.66
CA PRO A 346 1.82 -8.45 -17.34
C PRO A 346 2.57 -7.45 -16.47
N LYS A 347 1.92 -6.85 -15.47
CA LYS A 347 2.59 -5.91 -14.59
C LYS A 347 3.41 -6.67 -13.57
N THR A 348 4.72 -6.41 -13.55
CA THR A 348 5.62 -7.14 -12.66
C THR A 348 5.20 -7.01 -11.21
N ASN A 349 4.86 -5.78 -10.77
CA ASN A 349 4.50 -5.57 -9.38
C ASN A 349 3.25 -6.35 -8.99
N ILE A 350 2.32 -6.55 -9.93
CA ILE A 350 1.13 -7.34 -9.61
C ILE A 350 1.50 -8.80 -9.38
N GLN A 351 2.36 -9.36 -10.25
CA GLN A 351 2.79 -10.74 -10.05
C GLN A 351 3.56 -10.90 -8.75
N LYS A 352 4.41 -9.93 -8.42
CA LYS A 352 5.19 -10.02 -7.19
C LYS A 352 4.28 -10.03 -5.97
N GLU A 353 3.36 -9.07 -5.88
CA GLU A 353 2.49 -8.98 -4.71
C GLU A 353 1.50 -10.13 -4.65
N ALA A 354 1.05 -10.62 -5.80
CA ALA A 354 0.16 -11.79 -5.80
C ALA A 354 0.88 -13.03 -5.32
N THR A 355 2.15 -13.19 -5.70
CA THR A 355 2.92 -14.33 -5.22
C THR A 355 3.25 -14.19 -3.74
N TRP A 356 3.53 -12.96 -3.31
CA TRP A 356 3.70 -12.69 -1.87
C TRP A 356 2.44 -13.05 -1.10
N THR A 357 1.28 -12.67 -1.62
CA THR A 357 0.02 -13.05 -0.99
C THR A 357 -0.13 -14.56 -0.91
N MET A 358 0.28 -15.27 -1.97
CA MET A 358 0.20 -16.73 -1.97
C MET A 358 1.12 -17.34 -0.92
N SER A 359 2.32 -16.77 -0.74
CA SER A 359 3.26 -17.31 0.24
C SER A 359 2.68 -17.25 1.65
N ASN A 360 1.89 -16.22 1.96
CA ASN A 360 1.28 -16.12 3.27
C ASN A 360 0.03 -16.97 3.41
N ILE A 361 -0.57 -17.40 2.29
CA ILE A 361 -1.67 -18.34 2.38
C ILE A 361 -1.15 -19.76 2.53
N THR A 362 -0.06 -20.11 1.82
CA THR A 362 0.52 -21.43 1.97
C THR A 362 1.21 -21.61 3.33
N ALA A 363 1.35 -20.54 4.10
CA ALA A 363 1.85 -20.61 5.47
C ALA A 363 0.74 -20.87 6.48
N GLY A 364 -0.49 -21.09 6.01
CA GLY A 364 -1.62 -21.32 6.89
C GLY A 364 -1.84 -22.78 7.20
N ARG A 365 -3.10 -23.13 7.47
CA ARG A 365 -3.43 -24.49 7.85
C ARG A 365 -3.39 -25.41 6.63
N GLN A 366 -3.51 -26.72 6.91
CA GLN A 366 -3.49 -27.70 5.82
C GLN A 366 -4.77 -27.64 5.00
N ASP A 367 -5.90 -27.29 5.63
CA ASP A 367 -7.13 -27.12 4.85
C ASP A 367 -7.04 -25.88 3.96
N GLN A 368 -6.27 -24.88 4.38
CA GLN A 368 -6.08 -23.70 3.53
C GLN A 368 -5.10 -23.99 2.40
N ILE A 369 -4.05 -24.77 2.68
CA ILE A 369 -3.20 -25.27 1.60
C ILE A 369 -4.02 -26.08 0.61
N GLN A 370 -4.98 -26.86 1.10
CA GLN A 370 -5.83 -27.65 0.22
C GLN A 370 -6.70 -26.75 -0.66
N GLN A 371 -7.10 -25.58 -0.15
CA GLN A 371 -7.84 -24.63 -0.98
C GLN A 371 -6.98 -24.16 -2.14
N VAL A 372 -5.70 -23.89 -1.89
CA VAL A 372 -4.78 -23.51 -2.97
C VAL A 372 -4.70 -24.62 -4.01
N VAL A 373 -4.63 -25.87 -3.55
CA VAL A 373 -4.57 -27.00 -4.48
C VAL A 373 -5.85 -27.10 -5.29
N ASN A 374 -7.01 -27.00 -4.62
CA ASN A 374 -8.28 -27.21 -5.30
C ASN A 374 -8.56 -26.14 -6.35
N HIS A 375 -8.06 -24.92 -6.15
CA HIS A 375 -8.23 -23.86 -7.14
C HIS A 375 -7.23 -23.96 -8.28
N GLY A 376 -6.45 -25.03 -8.34
CA GLY A 376 -5.49 -25.20 -9.42
C GLY A 376 -4.35 -24.22 -9.41
N LEU A 377 -3.95 -23.73 -8.23
CA LEU A 377 -2.93 -22.70 -8.15
C LEU A 377 -1.51 -23.25 -8.04
N VAL A 378 -1.34 -24.54 -7.78
CA VAL A 378 0.01 -25.10 -7.72
C VAL A 378 0.73 -25.02 -9.06
N PRO A 379 0.11 -25.39 -10.20
CA PRO A 379 0.79 -25.18 -11.49
C PRO A 379 1.18 -23.73 -11.73
N PHE A 380 0.36 -22.77 -11.26
CA PHE A 380 0.72 -21.37 -11.43
C PHE A 380 1.92 -20.98 -10.56
N LEU A 381 2.05 -21.57 -9.37
CA LEU A 381 3.25 -21.33 -8.58
C LEU A 381 4.48 -21.95 -9.24
N VAL A 382 4.32 -23.13 -9.84
CA VAL A 382 5.41 -23.72 -10.62
C VAL A 382 5.82 -22.80 -11.75
N GLY A 383 4.84 -22.16 -12.40
CA GLY A 383 5.15 -21.27 -13.52
C GLY A 383 5.90 -20.03 -13.07
N VAL A 384 5.41 -19.36 -12.02
CA VAL A 384 6.07 -18.17 -11.52
C VAL A 384 7.50 -18.49 -11.07
N LEU A 385 7.68 -19.65 -10.43
CA LEU A 385 9.03 -20.08 -10.06
C LEU A 385 9.88 -20.36 -11.29
N SER A 386 9.28 -20.84 -12.37
CA SER A 386 10.05 -21.18 -13.57
C SER A 386 10.50 -19.95 -14.35
N LYS A 387 9.63 -18.96 -14.49
CA LYS A 387 9.94 -17.78 -15.30
C LYS A 387 9.19 -16.59 -14.75
N ALA A 388 9.92 -15.62 -14.21
CA ALA A 388 9.37 -14.37 -13.71
C ALA A 388 10.55 -13.47 -13.36
N ASP A 389 10.23 -12.23 -12.99
CA ASP A 389 11.23 -11.36 -12.41
C ASP A 389 11.77 -11.99 -11.12
N PHE A 390 13.05 -11.74 -10.83
CA PHE A 390 13.71 -12.44 -9.74
C PHE A 390 13.05 -12.16 -8.40
N LYS A 391 12.57 -10.94 -8.19
CA LYS A 391 11.86 -10.63 -6.95
C LYS A 391 10.57 -11.44 -6.85
N THR A 392 9.90 -11.67 -7.98
CA THR A 392 8.72 -12.53 -7.96
C THR A 392 9.10 -13.97 -7.74
N GLN A 393 10.19 -14.43 -8.37
CA GLN A 393 10.65 -15.80 -8.18
C GLN A 393 11.04 -16.05 -6.72
N LYS A 394 11.57 -15.04 -6.03
CA LYS A 394 11.94 -15.24 -4.63
C LYS A 394 10.70 -15.34 -3.74
N GLU A 395 9.64 -14.59 -4.07
CA GLU A 395 8.38 -14.77 -3.37
C GLU A 395 7.80 -16.16 -3.62
N ALA A 396 8.03 -16.71 -4.81
CA ALA A 396 7.56 -18.06 -5.09
C ALA A 396 8.32 -19.09 -4.29
N ALA A 397 9.64 -18.91 -4.14
CA ALA A 397 10.43 -19.81 -3.31
C ALA A 397 9.93 -19.81 -1.87
N TRP A 398 9.58 -18.63 -1.35
CA TRP A 398 8.98 -18.57 -0.01
C TRP A 398 7.65 -19.30 0.03
N ALA A 399 6.84 -19.17 -1.04
CA ALA A 399 5.55 -19.86 -1.08
C ALA A 399 5.73 -21.37 -1.04
N ILE A 400 6.77 -21.88 -1.72
CA ILE A 400 7.00 -23.33 -1.73
C ILE A 400 7.49 -23.79 -0.36
N THR A 401 8.39 -23.03 0.27
CA THR A 401 8.90 -23.43 1.58
C THR A 401 7.78 -23.44 2.63
N ASN A 402 6.92 -22.42 2.62
CA ASN A 402 5.77 -22.42 3.51
C ASN A 402 4.83 -23.58 3.19
N TYR A 403 4.62 -23.86 1.91
CA TYR A 403 3.79 -24.99 1.50
C TYR A 403 4.36 -26.30 2.04
N THR A 404 5.64 -26.56 1.79
CA THR A 404 6.25 -27.81 2.23
C THR A 404 6.42 -27.88 3.74
N SER A 405 6.43 -26.74 4.42
CA SER A 405 6.61 -26.74 5.87
C SER A 405 5.34 -27.20 6.58
N GLY A 406 4.17 -26.80 6.07
CA GLY A 406 2.93 -27.09 6.75
C GLY A 406 2.02 -28.08 6.05
N GLY A 407 2.38 -28.49 4.83
CA GLY A 407 1.53 -29.36 4.07
C GLY A 407 1.59 -30.80 4.51
N THR A 408 0.54 -31.56 4.16
CA THR A 408 0.55 -32.99 4.38
C THR A 408 1.51 -33.68 3.42
N VAL A 409 1.76 -34.96 3.67
CA VAL A 409 2.59 -35.75 2.76
C VAL A 409 1.96 -35.79 1.37
N GLU A 410 0.64 -35.99 1.32
CA GLU A 410 -0.06 -36.05 0.04
C GLU A 410 0.03 -34.72 -0.72
N GLN A 411 -0.10 -33.60 0.00
CA GLN A 411 0.02 -32.30 -0.64
C GLN A 411 1.42 -32.07 -1.17
N ILE A 412 2.44 -32.52 -0.44
CA ILE A 412 3.82 -32.35 -0.88
C ILE A 412 4.10 -33.23 -2.09
N VAL A 413 3.56 -34.45 -2.10
CA VAL A 413 3.72 -35.33 -3.27
C VAL A 413 3.09 -34.69 -4.51
N TYR A 414 1.91 -34.10 -4.34
CA TYR A 414 1.26 -33.43 -5.47
C TYR A 414 2.08 -32.26 -5.98
N LEU A 415 2.78 -31.57 -5.09
CA LEU A 415 3.64 -30.47 -5.51
C LEU A 415 4.79 -30.95 -6.38
N VAL A 416 5.41 -32.06 -6.00
CA VAL A 416 6.47 -32.64 -6.84
C VAL A 416 5.90 -33.14 -8.16
N HIS A 417 4.71 -33.74 -8.12
CA HIS A 417 4.09 -34.25 -9.35
C HIS A 417 3.79 -33.13 -10.33
N CYS A 418 3.57 -31.91 -9.85
CA CYS A 418 3.35 -30.77 -10.73
C CYS A 418 4.65 -30.21 -11.30
N GLY A 419 5.81 -30.74 -10.90
CA GLY A 419 7.06 -30.36 -11.52
C GLY A 419 7.81 -29.26 -10.79
N ILE A 420 7.73 -29.23 -9.46
CA ILE A 420 8.39 -28.16 -8.72
C ILE A 420 9.89 -28.34 -8.63
N ILE A 421 10.40 -29.56 -8.83
CA ILE A 421 11.81 -29.84 -8.51
C ILE A 421 12.75 -29.11 -9.45
N GLU A 422 12.52 -29.23 -10.76
CA GLU A 422 13.46 -28.65 -11.72
C GLU A 422 13.59 -27.14 -11.60
N PRO A 423 12.51 -26.34 -11.61
CA PRO A 423 12.69 -24.90 -11.42
C PRO A 423 13.26 -24.54 -10.06
N LEU A 424 13.04 -25.39 -9.05
CA LEU A 424 13.62 -25.14 -7.74
C LEU A 424 15.14 -25.28 -7.78
N MET A 425 15.65 -26.26 -8.53
CA MET A 425 17.09 -26.46 -8.61
C MET A 425 17.77 -25.39 -9.45
N ASN A 426 17.08 -24.88 -10.48
CA ASN A 426 17.68 -23.86 -11.33
C ASN A 426 17.96 -22.58 -10.55
N LEU A 427 17.11 -22.25 -9.57
CA LEU A 427 17.31 -21.04 -8.79
C LEU A 427 18.41 -21.16 -7.75
N LEU A 428 19.00 -22.35 -7.59
CA LEU A 428 20.15 -22.50 -6.71
C LEU A 428 21.41 -21.86 -7.30
N SER A 429 21.33 -21.33 -8.52
CA SER A 429 22.43 -20.61 -9.14
C SER A 429 22.32 -19.10 -8.94
N ALA A 430 21.29 -18.64 -8.24
CA ALA A 430 21.11 -17.21 -8.03
C ALA A 430 22.16 -16.68 -7.05
N LYS A 431 22.47 -15.39 -7.18
CA LYS A 431 23.47 -14.77 -6.32
C LYS A 431 22.90 -14.36 -4.97
N ASP A 432 21.58 -14.22 -4.86
CA ASP A 432 20.96 -13.88 -3.58
C ASP A 432 21.16 -15.01 -2.59
N THR A 433 21.62 -14.67 -1.38
CA THR A 433 21.94 -15.69 -0.39
C THR A 433 20.69 -16.27 0.26
N LYS A 434 19.71 -15.43 0.58
CA LYS A 434 18.54 -15.91 1.30
C LYS A 434 17.70 -16.87 0.46
N ILE A 435 17.58 -16.61 -0.85
CA ILE A 435 16.78 -17.50 -1.68
C ILE A 435 17.40 -18.89 -1.73
N ILE A 436 18.73 -18.98 -1.65
CA ILE A 436 19.37 -20.28 -1.58
C ILE A 436 18.99 -21.00 -0.29
N GLN A 437 18.99 -20.27 0.83
CA GLN A 437 18.59 -20.87 2.10
C GLN A 437 17.13 -21.26 2.09
N VAL A 438 16.28 -20.46 1.46
CA VAL A 438 14.86 -20.77 1.37
C VAL A 438 14.64 -22.05 0.56
N ILE A 439 15.36 -22.19 -0.56
CA ILE A 439 15.21 -23.37 -1.40
C ILE A 439 15.72 -24.61 -0.68
N LEU A 440 16.88 -24.51 -0.03
CA LEU A 440 17.44 -25.65 0.69
C LEU A 440 16.52 -26.09 1.82
N ASP A 441 15.80 -25.16 2.45
CA ASP A 441 14.80 -25.56 3.44
C ASP A 441 13.64 -26.32 2.78
N ALA A 442 13.19 -25.84 1.62
CA ALA A 442 12.11 -26.53 0.91
C ALA A 442 12.55 -27.94 0.48
N ILE A 443 13.78 -28.06 -0.03
CA ILE A 443 14.28 -29.38 -0.41
C ILE A 443 14.35 -30.29 0.81
N SER A 444 14.73 -29.73 1.97
CA SER A 444 14.76 -30.52 3.20
C SER A 444 13.36 -30.98 3.59
N ASN A 445 12.36 -30.10 3.47
CA ASN A 445 11.00 -30.48 3.84
C ASN A 445 10.45 -31.55 2.92
N ILE A 446 10.79 -31.50 1.63
CA ILE A 446 10.29 -32.49 0.69
C ILE A 446 10.92 -33.86 0.98
N PHE A 447 12.19 -33.88 1.38
CA PHE A 447 12.84 -35.14 1.72
C PHE A 447 12.18 -35.78 2.95
N GLN A 448 11.77 -34.96 3.92
CA GLN A 448 11.10 -35.50 5.10
C GLN A 448 9.76 -36.12 4.74
N ALA A 449 9.07 -35.59 3.73
CA ALA A 449 7.88 -36.26 3.22
C ALA A 449 8.23 -37.54 2.49
N ALA A 450 9.36 -37.57 1.79
CA ALA A 450 9.80 -38.80 1.12
C ALA A 450 10.29 -39.84 2.12
N GLU A 451 10.84 -39.39 3.26
CA GLU A 451 11.23 -40.35 4.30
C GLU A 451 10.02 -41.07 4.86
N LYS A 452 8.91 -40.35 5.08
CA LYS A 452 7.71 -40.98 5.60
C LYS A 452 7.12 -41.97 4.61
N LEU A 453 7.40 -41.79 3.31
CA LEU A 453 6.98 -42.73 2.28
C LEU A 453 8.08 -43.71 1.89
N GLY A 454 9.29 -43.54 2.40
CA GLY A 454 10.39 -44.38 1.99
C GLY A 454 10.81 -44.20 0.56
N GLU A 455 10.63 -43.01 -0.01
CA GLU A 455 10.92 -42.74 -1.41
C GLU A 455 12.00 -41.67 -1.54
N THR A 456 12.97 -41.69 -0.62
CA THR A 456 14.07 -40.73 -0.70
C THR A 456 14.99 -41.03 -1.88
N GLU A 457 15.05 -42.29 -2.32
CA GLU A 457 15.93 -42.65 -3.42
C GLU A 457 15.44 -42.06 -4.73
N LYS A 458 14.13 -42.05 -4.95
CA LYS A 458 13.59 -41.46 -6.18
C LYS A 458 13.77 -39.95 -6.19
N LEU A 459 13.57 -39.29 -5.05
CA LEU A 459 13.76 -37.86 -4.98
C LEU A 459 15.22 -37.48 -5.24
N SER A 460 16.15 -38.25 -4.66
CA SER A 460 17.57 -38.01 -4.90
C SER A 460 17.91 -38.15 -6.38
N ILE A 461 17.27 -39.10 -7.06
CA ILE A 461 17.49 -39.27 -8.50
C ILE A 461 16.96 -38.06 -9.25
N MET A 462 15.73 -37.64 -8.94
CA MET A 462 15.14 -36.48 -9.59
C MET A 462 16.01 -35.24 -9.44
N ILE A 463 16.49 -34.99 -8.21
CA ILE A 463 17.36 -33.85 -7.96
C ILE A 463 18.67 -34.01 -8.72
N GLU A 464 19.14 -35.23 -8.88
CA GLU A 464 20.33 -35.46 -9.67
C GLU A 464 20.22 -35.17 -11.13
N GLU A 465 19.16 -35.62 -11.76
CA GLU A 465 19.03 -35.50 -13.20
C GLU A 465 18.72 -34.08 -13.67
N CYS A 466 18.37 -33.18 -12.77
CA CYS A 466 18.17 -31.77 -13.11
C CYS A 466 19.44 -30.95 -13.03
N GLY A 467 20.55 -31.55 -12.59
CA GLY A 467 21.74 -30.80 -12.28
C GLY A 467 21.74 -30.18 -10.90
N GLY A 468 20.78 -30.55 -10.05
CA GLY A 468 20.70 -29.95 -8.73
C GLY A 468 21.74 -30.48 -7.77
N LEU A 469 22.14 -31.75 -7.93
CA LEU A 469 23.19 -32.30 -7.07
C LEU A 469 24.49 -31.53 -7.25
N ASP A 470 24.80 -31.11 -8.47
CA ASP A 470 25.97 -30.28 -8.72
C ASP A 470 25.90 -28.99 -7.90
N LYS A 471 24.72 -28.37 -7.84
CA LYS A 471 24.59 -27.10 -7.13
C LYS A 471 24.59 -27.32 -5.62
N ILE A 472 23.89 -28.36 -5.14
CA ILE A 472 23.91 -28.67 -3.71
C ILE A 472 25.34 -29.00 -3.26
N GLU A 473 26.08 -29.73 -4.10
CA GLU A 473 27.47 -30.04 -3.76
C GLU A 473 28.34 -28.79 -3.80
N ALA A 474 28.15 -27.95 -4.83
CA ALA A 474 28.96 -26.74 -4.94
C ALA A 474 28.63 -25.72 -3.87
N LEU A 475 27.45 -25.79 -3.26
CA LEU A 475 27.06 -24.86 -2.21
C LEU A 475 27.72 -25.16 -0.87
N GLN A 476 28.64 -26.11 -0.82
CA GLN A 476 29.36 -26.41 0.42
C GLN A 476 30.56 -25.51 0.64
N ARG A 477 30.99 -24.76 -0.38
CA ARG A 477 32.02 -23.74 -0.21
C ARG A 477 31.44 -22.37 -0.55
N HIS A 478 30.18 -22.18 -0.23
CA HIS A 478 29.56 -20.88 -0.15
C HIS A 478 30.01 -20.24 1.15
N GLU A 479 30.28 -18.95 1.19
CA GLU A 479 30.86 -18.53 2.41
C GLU A 479 29.84 -18.62 3.55
N ASN A 480 28.60 -18.18 3.36
CA ASN A 480 27.57 -18.18 4.40
C ASN A 480 27.49 -19.53 5.10
N GLU A 481 27.46 -19.49 6.43
CA GLU A 481 27.50 -20.72 7.22
C GLU A 481 26.16 -21.44 7.27
N SER A 482 25.05 -20.74 7.03
CA SER A 482 23.75 -21.40 7.03
C SER A 482 23.55 -22.27 5.79
N VAL A 483 24.32 -22.04 4.73
CA VAL A 483 24.16 -22.78 3.49
C VAL A 483 24.92 -24.09 3.51
N TYR A 484 26.18 -24.08 3.97
CA TYR A 484 26.96 -25.31 3.97
C TYR A 484 26.38 -26.34 4.92
N LYS A 485 25.85 -25.90 6.06
CA LYS A 485 25.22 -26.83 7.00
C LYS A 485 24.04 -27.54 6.34
N ALA A 486 23.15 -26.77 5.69
CA ALA A 486 22.01 -27.39 5.02
C ALA A 486 22.46 -28.20 3.81
N SER A 487 23.44 -27.70 3.05
CA SER A 487 23.91 -28.43 1.89
C SER A 487 24.64 -29.71 2.28
N LEU A 488 25.51 -29.64 3.30
CA LEU A 488 26.22 -30.82 3.75
C LEU A 488 25.26 -31.86 4.33
N ASN A 489 24.30 -31.42 5.15
CA ASN A 489 23.35 -32.35 5.74
C ASN A 489 22.51 -33.04 4.68
N LEU A 490 22.24 -32.35 3.56
CA LEU A 490 21.55 -33.01 2.45
C LEU A 490 22.47 -33.97 1.73
N ILE A 491 23.74 -33.60 1.55
CA ILE A 491 24.70 -34.48 0.88
C ILE A 491 24.93 -35.74 1.71
N GLU A 492 25.08 -35.61 3.02
CA GLU A 492 25.33 -36.78 3.86
C GLU A 492 24.13 -37.72 3.87
N LYS A 493 22.94 -37.18 4.11
CA LYS A 493 21.80 -38.01 4.47
C LYS A 493 21.13 -38.65 3.26
N TYR A 494 21.20 -38.03 2.08
CA TYR A 494 20.44 -38.50 0.94
C TYR A 494 21.28 -38.77 -0.30
N PHE A 495 22.60 -38.56 -0.26
CA PHE A 495 23.39 -38.74 -1.47
C PHE A 495 24.66 -39.55 -1.21
N SER A 496 25.47 -39.12 -0.26
CA SER A 496 26.70 -39.84 0.07
C SER A 496 26.37 -41.17 0.75
N GLY B 15 1.05 11.09 -2.25
CA GLY B 15 1.61 11.67 -1.05
C GLY B 15 1.09 13.08 -0.92
N ARG B 16 1.43 13.88 -1.89
CA ARG B 16 0.95 15.25 -1.94
C ARG B 16 0.78 15.68 -3.39
N ARG B 17 -0.30 16.41 -3.66
CA ARG B 17 -0.66 16.82 -5.01
C ARG B 17 -0.73 18.34 -5.08
N THR B 18 -0.18 18.91 -6.14
CA THR B 18 -0.24 20.34 -6.38
C THR B 18 -1.47 20.68 -7.22
N ARG B 19 -2.01 21.87 -7.00
CA ARG B 19 -3.17 22.30 -7.76
C ARG B 19 -2.82 23.33 -8.83
N GLY C 15 6.84 -18.87 8.67
CA GLY C 15 5.58 -18.25 9.03
C GLY C 15 5.21 -17.07 8.16
N ARG C 16 4.25 -16.27 8.62
CA ARG C 16 3.76 -15.13 7.85
C ARG C 16 4.85 -14.10 7.72
N ARG C 17 5.04 -13.59 6.53
CA ARG C 17 6.07 -12.59 6.42
C ARG C 17 5.42 -11.30 6.09
N THR C 18 5.15 -10.58 7.17
CA THR C 18 4.72 -9.24 7.02
C THR C 18 5.84 -8.72 6.16
N ARG C 19 5.49 -8.16 5.02
CA ARG C 19 6.42 -7.17 4.48
C ARG C 19 5.73 -6.17 3.56
#